data_5N7B
#
_entry.id   5N7B
#
_cell.length_a   35.403
_cell.length_b   68.648
_cell.length_c   90.917
_cell.angle_alpha   90.00
_cell.angle_beta   90.00
_cell.angle_gamma   90.00
#
_symmetry.space_group_name_H-M   'P 21 21 21'
#
loop_
_entity.id
_entity.type
_entity.pdbx_description
1 polymer 'Ig heavy chain V-III region J606,Ig lambda-1 chain V region S43'
2 polymer 'APD(CG6)RP(NH2) peptide'
3 non-polymer 1,2-ETHANEDIOL
4 non-polymer 2-acetamido-2-deoxy-alpha-D-galactopyranose
5 water water
#
loop_
_entity_poly.entity_id
_entity_poly.type
_entity_poly.pdbx_seq_one_letter_code
_entity_poly.pdbx_strand_id
1 'polypeptide(L)'
;QVQLQESGGGLVQPGGSMKLSCVASGFTFSNYWMNWVRQSPEKGLEWVAEIRLKSNNYATHYAESVKGRFTISRDDSKSS
VYLQMNNLRAEDTGIYYCTGVGQFAYWGQGTTVTVSSSSGGGGSGGGGGSSGSSDIVVTQESALTTSPGETVTLTCRSST
GAVTTSNYANWVQEKPDHLFTGLIGGTNNRAPGVPARFSGSLIGDKAALTITGAQTEDEAIYFCALWYSNHWVFGGGTKL
TVLG
;
H
2 'polypeptide(L)' APD(CG6)RP(NH2) I
#
loop_
_chem_comp.id
_chem_comp.type
_chem_comp.name
_chem_comp.formula
A2G D-saccharide, alpha linking 2-acetamido-2-deoxy-alpha-D-galactopyranose 'C8 H15 N O6'
EDO non-polymer 1,2-ETHANEDIOL 'C2 H6 O2'
NH2 non-polymer 'AMINO GROUP' 'H2 N'
#
# COMPACT_ATOMS: atom_id res chain seq x y z
N GLN A 1 -8.03 -15.66 -6.08
CA GLN A 1 -6.68 -16.25 -6.35
C GLN A 1 -5.76 -16.10 -5.13
N VAL A 2 -5.38 -14.86 -4.83
CA VAL A 2 -4.51 -14.56 -3.69
C VAL A 2 -5.37 -14.11 -2.53
N GLN A 3 -5.07 -14.63 -1.35
CA GLN A 3 -5.74 -14.21 -0.14
C GLN A 3 -4.70 -13.84 0.91
N LEU A 4 -4.91 -12.70 1.56
CA LEU A 4 -4.16 -12.31 2.72
C LEU A 4 -5.19 -12.09 3.80
N GLN A 5 -5.15 -12.91 4.86
CA GLN A 5 -6.18 -12.93 5.91
C GLN A 5 -5.59 -12.44 7.23
N GLU A 6 -5.97 -11.22 7.61
N GLU A 6 -6.02 -11.27 7.66
CA GLU A 6 -5.49 -10.58 8.85
CA GLU A 6 -5.50 -10.69 8.87
C GLU A 6 -6.32 -11.02 10.05
C GLU A 6 -6.37 -10.95 10.08
N SER A 7 -5.74 -10.89 11.25
CA SER A 7 -6.45 -11.05 12.51
C SER A 7 -5.68 -10.36 13.63
N GLY A 8 -6.36 -10.13 14.75
CA GLY A 8 -5.73 -9.71 15.97
C GLY A 8 -6.03 -8.32 16.48
N GLY A 9 -6.77 -7.53 15.70
CA GLY A 9 -7.20 -6.20 16.10
C GLY A 9 -8.11 -6.18 17.29
N GLY A 10 -8.54 -4.99 17.69
CA GLY A 10 -9.42 -4.86 18.82
C GLY A 10 -9.47 -3.46 19.38
N LEU A 11 -9.91 -3.39 20.63
CA LEU A 11 -10.13 -2.16 21.36
C LEU A 11 -9.21 -2.17 22.57
N VAL A 12 -8.17 -1.34 22.54
CA VAL A 12 -7.10 -1.40 23.54
C VAL A 12 -6.84 -0.04 24.22
N GLN A 13 -6.09 -0.10 25.31
CA GLN A 13 -5.78 1.05 26.15
C GLN A 13 -4.46 1.69 25.70
N PRO A 14 -4.34 3.03 25.78
CA PRO A 14 -3.01 3.64 25.56
C PRO A 14 -1.97 3.03 26.48
N GLY A 15 -0.80 2.70 25.95
CA GLY A 15 0.25 2.03 26.70
C GLY A 15 0.29 0.53 26.52
N GLY A 16 -0.80 -0.05 26.04
CA GLY A 16 -0.90 -1.50 25.84
C GLY A 16 -0.11 -2.04 24.66
N SER A 17 -0.22 -3.35 24.50
CA SER A 17 0.42 -4.15 23.45
C SER A 17 -0.63 -4.99 22.72
N MET A 18 -0.28 -5.34 21.48
CA MET A 18 -1.14 -6.11 20.61
CA MET A 18 -1.13 -6.12 20.61
C MET A 18 -0.28 -6.71 19.49
N LYS A 19 -0.60 -7.93 19.06
CA LYS A 19 0.07 -8.56 17.92
C LYS A 19 -0.92 -8.91 16.81
N LEU A 20 -0.64 -8.41 15.62
CA LEU A 20 -1.42 -8.70 14.44
C LEU A 20 -0.79 -9.82 13.64
N SER A 21 -1.63 -10.60 12.96
CA SER A 21 -1.20 -11.72 12.12
C SER A 21 -1.80 -11.59 10.75
N CYS A 22 -1.12 -12.14 9.76
CA CYS A 22 -1.62 -12.17 8.41
C CYS A 22 -1.13 -13.45 7.76
N VAL A 23 -2.06 -14.26 7.24
CA VAL A 23 -1.73 -15.52 6.56
C VAL A 23 -1.99 -15.41 5.07
N ALA A 24 -0.98 -15.77 4.29
CA ALA A 24 -1.00 -15.64 2.83
C ALA A 24 -1.27 -16.97 2.16
N SER A 25 -1.98 -16.95 1.04
CA SER A 25 -2.11 -18.10 0.14
C SER A 25 -2.20 -17.65 -1.32
N GLY A 26 -1.84 -18.56 -2.23
CA GLY A 26 -1.98 -18.33 -3.67
C GLY A 26 -0.79 -17.74 -4.38
N PHE A 27 0.28 -17.44 -3.64
CA PHE A 27 1.53 -16.98 -4.23
C PHE A 27 2.68 -17.48 -3.38
N THR A 28 3.88 -17.46 -3.93
CA THR A 28 5.05 -17.96 -3.21
C THR A 28 5.53 -16.90 -2.19
N PHE A 29 4.87 -16.92 -1.03
CA PHE A 29 5.07 -15.93 0.05
C PHE A 29 6.55 -15.67 0.38
N SER A 30 7.33 -16.75 0.50
CA SER A 30 8.72 -16.66 0.91
C SER A 30 9.65 -15.94 -0.09
N ASN A 31 9.20 -15.71 -1.32
CA ASN A 31 9.97 -15.00 -2.33
C ASN A 31 9.74 -13.50 -2.38
N TYR A 32 8.80 -12.98 -1.57
CA TYR A 32 8.44 -11.56 -1.60
C TYR A 32 8.58 -10.87 -0.24
N TRP A 33 8.94 -9.60 -0.30
CA TRP A 33 8.94 -8.76 0.89
C TRP A 33 7.48 -8.58 1.29
N MET A 34 7.26 -8.36 2.58
CA MET A 34 5.92 -8.00 3.06
C MET A 34 5.95 -6.68 3.83
N ASN A 35 4.81 -5.98 3.78
CA ASN A 35 4.64 -4.68 4.42
C ASN A 35 3.37 -4.68 5.27
N TRP A 36 3.37 -3.80 6.28
CA TRP A 36 2.14 -3.35 6.96
C TRP A 36 1.94 -1.90 6.60
N VAL A 37 0.69 -1.56 6.31
CA VAL A 37 0.24 -0.22 6.00
C VAL A 37 -1.02 0.02 6.81
N ARG A 38 -1.20 1.23 7.31
CA ARG A 38 -2.39 1.54 8.09
C ARG A 38 -3.13 2.72 7.52
N GLN A 39 -4.44 2.73 7.76
CA GLN A 39 -5.31 3.81 7.32
C GLN A 39 -6.05 4.43 8.49
N SER A 40 -5.99 5.75 8.61
CA SER A 40 -6.80 6.50 9.57
C SER A 40 -7.43 7.69 8.88
N PRO A 41 -8.63 8.12 9.36
CA PRO A 41 -9.21 9.32 8.73
C PRO A 41 -8.32 10.56 8.85
N GLU A 42 -7.58 10.67 9.96
CA GLU A 42 -6.71 11.83 10.22
C GLU A 42 -5.41 11.82 9.39
N LYS A 43 -4.68 10.71 9.40
CA LYS A 43 -3.37 10.63 8.72
C LYS A 43 -3.36 9.92 7.34
N GLY A 44 -4.53 9.53 6.83
CA GLY A 44 -4.63 8.85 5.51
C GLY A 44 -3.98 7.47 5.50
N LEU A 45 -3.49 7.04 4.34
CA LEU A 45 -2.73 5.76 4.22
C LEU A 45 -1.29 5.99 4.62
N GLU A 46 -0.78 5.16 5.52
CA GLU A 46 0.56 5.29 6.04
C GLU A 46 1.32 3.96 6.04
N TRP A 47 2.44 3.91 5.34
CA TRP A 47 3.32 2.73 5.39
C TRP A 47 3.98 2.68 6.78
N VAL A 48 4.00 1.49 7.36
CA VAL A 48 4.44 1.25 8.75
C VAL A 48 5.79 0.51 8.79
N ALA A 49 5.89 -0.60 8.05
CA ALA A 49 7.06 -1.48 8.15
C ALA A 49 7.17 -2.44 6.97
N GLU A 50 8.39 -2.88 6.68
CA GLU A 50 8.66 -3.90 5.68
C GLU A 50 9.60 -4.95 6.26
N ILE A 51 9.46 -6.16 5.76
CA ILE A 51 10.41 -7.24 6.03
C ILE A 51 10.79 -7.90 4.72
N ARG A 52 12.09 -8.20 4.56
CA ARG A 52 12.64 -8.70 3.30
C ARG A 52 12.74 -10.22 3.46
N LEU A 53 13.63 -10.87 2.71
CA LEU A 53 13.64 -12.32 2.61
C LEU A 53 14.64 -12.97 3.55
N LYS A 54 14.52 -14.28 3.68
CA LYS A 54 15.53 -15.09 4.41
C LYS A 54 16.95 -14.79 3.91
N SER A 55 17.11 -14.66 2.58
CA SER A 55 18.41 -14.35 1.95
C SER A 55 18.96 -12.96 2.29
N ASN A 56 18.09 -12.07 2.77
CA ASN A 56 18.45 -10.75 3.30
C ASN A 56 18.55 -10.73 4.83
N ASN A 57 18.66 -11.90 5.43
CA ASN A 57 18.64 -12.04 6.88
C ASN A 57 17.37 -11.41 7.48
N TYR A 58 16.26 -11.48 6.73
CA TYR A 58 14.99 -10.92 7.19
C TYR A 58 15.12 -9.45 7.61
N ALA A 59 15.83 -8.68 6.80
CA ALA A 59 16.06 -7.27 7.10
C ALA A 59 14.72 -6.52 7.22
N THR A 60 14.65 -5.60 8.19
CA THR A 60 13.43 -4.82 8.44
C THR A 60 13.69 -3.33 8.39
N HIS A 61 12.64 -2.58 8.04
CA HIS A 61 12.65 -1.11 8.08
CA HIS A 61 12.66 -1.12 8.10
C HIS A 61 11.30 -0.63 8.57
N TYR A 62 11.31 0.52 9.26
CA TYR A 62 10.13 1.05 9.91
C TYR A 62 9.94 2.51 9.60
N ALA A 63 8.68 2.94 9.62
CA ALA A 63 8.37 4.37 9.66
C ALA A 63 8.89 4.98 10.96
N GLU A 64 9.30 6.25 10.91
CA GLU A 64 9.83 6.89 12.11
C GLU A 64 8.79 6.96 13.25
N SER A 65 7.51 7.07 12.90
CA SER A 65 6.40 7.10 13.88
C SER A 65 6.23 5.85 14.76
N VAL A 66 6.78 4.71 14.32
CA VAL A 66 6.65 3.46 15.06
C VAL A 66 7.96 2.80 15.47
N LYS A 67 9.08 3.32 14.98
CA LYS A 67 10.38 2.73 15.25
C LYS A 67 10.62 2.66 16.76
N GLY A 68 11.09 1.51 17.21
CA GLY A 68 11.29 1.23 18.63
C GLY A 68 10.07 0.77 19.40
N ARG A 69 8.89 0.82 18.77
CA ARG A 69 7.64 0.34 19.39
C ARG A 69 7.05 -0.86 18.66
N PHE A 70 7.22 -0.90 17.34
CA PHE A 70 6.65 -1.97 16.51
C PHE A 70 7.75 -2.91 16.02
N THR A 71 7.40 -4.18 15.86
CA THR A 71 8.31 -5.18 15.31
C THR A 71 7.56 -6.02 14.27
N ILE A 72 8.11 -6.07 13.07
CA ILE A 72 7.60 -6.91 11.99
C ILE A 72 8.42 -8.20 11.96
N SER A 73 7.73 -9.32 11.76
CA SER A 73 8.38 -10.63 11.63
C SER A 73 7.59 -11.50 10.67
N ARG A 74 8.21 -12.59 10.26
CA ARG A 74 7.56 -13.52 9.35
C ARG A 74 7.94 -14.95 9.67
N ASP A 75 7.03 -15.86 9.33
CA ASP A 75 7.27 -17.28 9.46
C ASP A 75 6.94 -17.89 8.11
N ASP A 76 7.98 -18.14 7.32
CA ASP A 76 7.83 -18.66 5.97
C ASP A 76 7.20 -20.05 5.95
N SER A 77 7.49 -20.88 6.95
CA SER A 77 6.86 -22.22 7.03
C SER A 77 5.35 -22.18 7.27
N LYS A 78 4.82 -21.06 7.79
CA LYS A 78 3.37 -20.86 7.95
C LYS A 78 2.79 -19.80 6.99
N SER A 79 3.59 -19.34 6.04
CA SER A 79 3.21 -18.29 5.09
C SER A 79 2.55 -17.10 5.80
N SER A 80 3.15 -16.67 6.91
CA SER A 80 2.55 -15.64 7.75
C SER A 80 3.50 -14.50 8.07
N VAL A 81 2.92 -13.32 8.20
CA VAL A 81 3.64 -12.12 8.64
C VAL A 81 2.92 -11.53 9.86
N TYR A 82 3.69 -10.92 10.75
CA TYR A 82 3.17 -10.43 12.01
C TYR A 82 3.63 -9.03 12.28
N LEU A 83 2.86 -8.32 13.11
CA LEU A 83 3.22 -7.01 13.62
C LEU A 83 2.95 -6.96 15.12
N GLN A 84 4.02 -6.90 15.90
CA GLN A 84 3.95 -6.72 17.34
C GLN A 84 3.97 -5.22 17.59
N MET A 85 2.95 -4.74 18.29
CA MET A 85 2.77 -3.32 18.59
C MET A 85 2.81 -3.08 20.09
N ASN A 86 3.87 -2.44 20.56
CA ASN A 86 4.01 -2.07 21.96
C ASN A 86 3.82 -0.58 22.21
N ASN A 87 3.50 -0.28 23.46
CA ASN A 87 3.31 1.08 23.93
C ASN A 87 2.41 1.87 22.98
N LEU A 88 1.21 1.34 22.74
CA LEU A 88 0.25 1.95 21.83
C LEU A 88 -0.17 3.37 22.25
N ARG A 89 -0.40 4.21 21.25
CA ARG A 89 -0.81 5.60 21.41
C ARG A 89 -2.10 5.82 20.65
N ALA A 90 -2.83 6.87 21.02
CA ALA A 90 -4.03 7.27 20.30
C ALA A 90 -3.81 7.37 18.78
N GLU A 91 -2.65 7.88 18.37
CA GLU A 91 -2.29 8.06 16.96
C GLU A 91 -2.10 6.73 16.18
N ASP A 92 -2.01 5.60 16.87
CA ASP A 92 -1.92 4.29 16.24
C ASP A 92 -3.25 3.72 15.84
N THR A 93 -4.36 4.37 16.21
CA THR A 93 -5.69 3.94 15.79
C THR A 93 -5.80 3.92 14.27
N GLY A 94 -6.35 2.83 13.73
CA GLY A 94 -6.60 2.71 12.29
C GLY A 94 -6.91 1.30 11.83
N ILE A 95 -7.07 1.15 10.53
CA ILE A 95 -7.19 -0.16 9.91
C ILE A 95 -5.81 -0.56 9.41
N TYR A 96 -5.37 -1.76 9.82
CA TYR A 96 -4.05 -2.28 9.51
C TYR A 96 -4.11 -3.35 8.43
N TYR A 97 -3.31 -3.21 7.38
CA TYR A 97 -3.31 -4.10 6.22
C TYR A 97 -1.93 -4.70 6.03
N CYS A 98 -1.88 -6.00 5.74
CA CYS A 98 -0.63 -6.59 5.23
C CYS A 98 -0.73 -6.53 3.71
N THR A 99 0.39 -6.21 3.06
CA THR A 99 0.42 -6.02 1.61
C THR A 99 1.82 -6.24 1.02
N GLY A 100 1.85 -6.79 -0.18
CA GLY A 100 3.09 -6.84 -0.96
C GLY A 100 2.90 -7.30 -2.39
N VAL A 101 4.05 -7.58 -3.03
CA VAL A 101 4.17 -8.06 -4.41
C VAL A 101 4.06 -6.95 -5.45
N GLY A 102 5.20 -6.63 -6.06
CA GLY A 102 5.30 -5.76 -7.22
C GLY A 102 4.60 -4.39 -7.29
N GLN A 103 4.60 -3.55 -6.25
CA GLN A 103 5.05 -3.78 -4.88
C GLN A 103 3.87 -3.87 -3.88
N PHE A 104 2.66 -3.48 -4.28
CA PHE A 104 1.45 -3.48 -3.42
C PHE A 104 0.26 -4.05 -4.16
N ALA A 105 0.55 -5.41 -5.06
CA ALA A 105 -0.56 -6.00 -5.78
C ALA A 105 -1.66 -6.47 -4.81
N TYR A 106 -1.26 -7.10 -3.70
CA TYR A 106 -2.16 -7.86 -2.86
C TYR A 106 -2.30 -7.22 -1.48
N TRP A 107 -3.54 -7.11 -1.01
CA TRP A 107 -3.90 -6.52 0.27
C TRP A 107 -4.81 -7.46 1.04
N GLY A 108 -4.57 -7.56 2.34
CA GLY A 108 -5.53 -8.17 3.21
C GLY A 108 -6.76 -7.32 3.38
N GLN A 109 -7.77 -7.92 4.03
CA GLN A 109 -9.05 -7.27 4.26
C GLN A 109 -8.97 -6.17 5.35
N GLY A 110 -7.92 -6.19 6.16
CA GLY A 110 -7.70 -5.18 7.19
C GLY A 110 -8.19 -5.67 8.54
N THR A 111 -7.53 -5.26 9.60
CA THR A 111 -8.00 -5.48 10.96
C THR A 111 -7.94 -4.15 11.68
N THR A 112 -9.01 -3.81 12.40
CA THR A 112 -9.15 -2.51 13.02
C THR A 112 -8.52 -2.52 14.41
N VAL A 113 -7.68 -1.52 14.67
CA VAL A 113 -7.07 -1.30 15.97
C VAL A 113 -7.57 0.05 16.47
N THR A 114 -8.30 0.05 17.59
CA THR A 114 -8.80 1.28 18.20
C THR A 114 -8.12 1.46 19.55
N VAL A 115 -7.35 2.54 19.71
CA VAL A 115 -6.68 2.86 20.95
C VAL A 115 -7.41 4.03 21.59
N SER A 116 -8.03 3.80 22.75
CA SER A 116 -8.70 4.89 23.48
C SER A 116 -8.73 4.65 24.98
N ASP A 135 10.35 15.65 6.35
CA ASP A 135 9.16 14.90 5.99
C ASP A 135 8.80 15.14 4.52
N ILE A 136 8.52 14.06 3.81
CA ILE A 136 8.14 14.14 2.39
C ILE A 136 6.64 14.13 2.29
N VAL A 137 6.10 15.00 1.43
CA VAL A 137 4.67 15.08 1.16
C VAL A 137 4.45 14.66 -0.30
N VAL A 138 3.55 13.69 -0.50
CA VAL A 138 3.22 13.21 -1.85
C VAL A 138 1.81 13.75 -2.10
N THR A 139 1.62 14.46 -3.20
CA THR A 139 0.40 15.19 -3.45
C THR A 139 -0.36 14.65 -4.65
N GLN A 140 -1.65 14.37 -4.45
CA GLN A 140 -2.58 13.94 -5.49
C GLN A 140 -3.77 14.89 -5.59
N GLU A 141 -4.45 14.88 -6.74
CA GLU A 141 -5.71 15.64 -6.88
C GLU A 141 -6.69 15.18 -5.80
N SER A 142 -7.35 16.11 -5.11
CA SER A 142 -8.34 15.68 -4.08
C SER A 142 -9.48 14.87 -4.69
N ALA A 143 -10.03 15.39 -5.80
CA ALA A 143 -11.14 14.74 -6.52
C ALA A 143 -11.03 15.00 -8.00
N LEU A 144 -11.52 14.05 -8.79
CA LEU A 144 -11.74 14.25 -10.20
C LEU A 144 -13.08 13.63 -10.57
N THR A 145 -13.74 14.22 -11.57
CA THR A 145 -15.05 13.78 -12.02
C THR A 145 -14.96 13.44 -13.52
N THR A 146 -15.43 12.25 -13.88
CA THR A 146 -15.40 11.81 -15.28
C THR A 146 -16.75 11.15 -15.61
N SER A 147 -16.86 10.59 -16.81
CA SER A 147 -18.06 9.86 -17.24
C SER A 147 -17.65 8.58 -17.92
N PRO A 148 -18.57 7.62 -18.06
CA PRO A 148 -18.14 6.40 -18.77
C PRO A 148 -17.62 6.68 -20.15
N GLY A 149 -16.50 6.03 -20.51
CA GLY A 149 -15.93 6.14 -21.83
C GLY A 149 -14.91 7.24 -22.00
N GLU A 150 -14.75 8.10 -21.00
CA GLU A 150 -13.75 9.14 -21.05
C GLU A 150 -12.36 8.62 -20.67
N THR A 151 -11.34 9.40 -20.99
CA THR A 151 -9.96 9.11 -20.55
C THR A 151 -9.67 10.08 -19.42
N VAL A 152 -9.24 9.54 -18.27
CA VAL A 152 -8.95 10.36 -17.10
C VAL A 152 -7.57 10.01 -16.61
N THR A 153 -6.82 11.03 -16.20
CA THR A 153 -5.46 10.84 -15.74
C THR A 153 -5.31 11.45 -14.35
N LEU A 154 -4.84 10.64 -13.43
CA LEU A 154 -4.59 11.05 -12.05
C LEU A 154 -3.11 11.24 -11.89
N THR A 155 -2.69 12.19 -11.05
CA THR A 155 -1.25 12.48 -10.89
C THR A 155 -0.77 12.46 -9.45
N CYS A 156 0.54 12.33 -9.32
CA CYS A 156 1.20 12.07 -8.07
C CYS A 156 2.50 12.85 -8.08
N ARG A 157 2.58 13.91 -7.28
CA ARG A 157 3.74 14.81 -7.21
C ARG A 157 4.54 14.61 -5.91
N SER A 158 5.86 14.70 -6.00
CA SER A 158 6.72 14.66 -4.81
C SER A 158 7.19 16.04 -4.39
N SER A 159 7.23 16.28 -3.08
CA SER A 159 7.79 17.52 -2.56
C SER A 159 9.32 17.58 -2.75
N THR A 160 9.96 16.44 -3.00
CA THR A 160 11.42 16.38 -3.14
C THR A 160 11.92 16.91 -4.48
N GLY A 161 11.05 16.93 -5.49
CA GLY A 161 11.41 17.29 -6.84
C GLY A 161 10.74 16.32 -7.82
N ALA A 162 11.36 16.12 -8.97
CA ALA A 162 10.78 15.27 -10.00
C ALA A 162 10.63 13.80 -9.55
N VAL A 163 9.51 13.18 -9.93
CA VAL A 163 9.35 11.74 -9.77
C VAL A 163 10.07 11.06 -10.94
N THR A 164 10.87 10.04 -10.61
CA THR A 164 11.58 9.25 -11.61
C THR A 164 11.26 7.77 -11.44
N THR A 165 11.78 6.96 -12.35
CA THR A 165 11.64 5.51 -12.24
C THR A 165 12.29 4.93 -10.95
N SER A 166 13.26 5.66 -10.37
CA SER A 166 13.84 5.30 -9.07
C SER A 166 12.91 5.49 -7.85
N ASN A 167 11.73 6.10 -8.06
CA ASN A 167 10.68 6.13 -7.04
C ASN A 167 9.67 4.98 -7.15
N TYR A 168 9.78 4.13 -8.16
CA TYR A 168 8.98 2.89 -8.26
C TYR A 168 7.51 3.14 -7.92
N ALA A 169 6.92 4.11 -8.62
CA ALA A 169 5.56 4.55 -8.29
C ALA A 169 4.59 3.39 -8.36
N ASN A 170 3.75 3.26 -7.33
CA ASN A 170 2.66 2.28 -7.31
C ASN A 170 1.36 3.01 -7.24
N TRP A 171 0.31 2.39 -7.78
CA TRP A 171 -1.07 2.91 -7.70
C TRP A 171 -1.94 1.81 -7.14
N VAL A 172 -2.77 2.13 -6.16
CA VAL A 172 -3.72 1.18 -5.58
C VAL A 172 -5.12 1.79 -5.50
N GLN A 173 -6.13 0.93 -5.54
CA GLN A 173 -7.51 1.34 -5.57
C GLN A 173 -8.22 0.92 -4.30
N GLU A 174 -8.97 1.83 -3.70
CA GLU A 174 -9.82 1.51 -2.56
C GLU A 174 -11.30 1.59 -2.93
N LYS A 175 -12.02 0.51 -2.73
CA LYS A 175 -13.48 0.45 -2.93
C LYS A 175 -14.18 0.15 -1.60
N PRO A 176 -15.48 0.40 -1.52
CA PRO A 176 -16.16 0.06 -0.26
C PRO A 176 -16.19 -1.47 -0.06
N ASP A 177 -16.01 -1.99 1.16
CA ASP A 177 -15.75 -1.25 2.39
C ASP A 177 -14.28 -1.43 2.75
N HIS A 178 -13.46 -0.39 2.51
CA HIS A 178 -12.01 -0.45 2.74
C HIS A 178 -11.35 -1.66 2.06
N LEU A 179 -11.69 -1.86 0.80
CA LEU A 179 -11.20 -2.97 0.00
C LEU A 179 -10.11 -2.47 -0.96
N PHE A 180 -8.86 -2.88 -0.73
CA PHE A 180 -7.74 -2.40 -1.55
C PHE A 180 -7.27 -3.43 -2.55
N THR A 181 -6.96 -2.97 -3.76
CA THR A 181 -6.33 -3.78 -4.79
C THR A 181 -5.22 -2.96 -5.43
N GLY A 182 -4.07 -3.58 -5.66
CA GLY A 182 -3.00 -2.90 -6.36
C GLY A 182 -3.23 -2.91 -7.86
N LEU A 183 -2.94 -1.79 -8.53
CA LEU A 183 -3.11 -1.68 -9.97
C LEU A 183 -1.81 -1.70 -10.75
N ILE A 184 -0.89 -0.84 -10.33
CA ILE A 184 0.36 -0.57 -11.03
C ILE A 184 1.51 -0.58 -10.02
N GLY A 185 2.64 -1.20 -10.38
CA GLY A 185 3.90 -1.10 -9.62
C GLY A 185 5.07 -0.81 -10.54
N GLY A 186 6.20 -0.41 -9.97
CA GLY A 186 7.39 -0.10 -10.77
C GLY A 186 7.09 0.88 -11.89
N THR A 187 6.39 1.94 -11.54
CA THR A 187 5.97 3.02 -12.47
C THR A 187 4.86 2.63 -13.43
N ASN A 188 5.02 1.56 -14.19
CA ASN A 188 4.09 1.24 -15.26
C ASN A 188 3.85 -0.25 -15.49
N ASN A 189 4.09 -1.07 -14.47
CA ASN A 189 3.83 -2.51 -14.58
C ASN A 189 2.47 -2.83 -14.02
N ARG A 190 1.57 -3.31 -14.88
CA ARG A 190 0.22 -3.67 -14.47
CA ARG A 190 0.22 -3.66 -14.47
C ARG A 190 0.24 -4.97 -13.66
N ALA A 191 -0.39 -4.97 -12.47
CA ALA A 191 -0.46 -6.21 -11.65
C ALA A 191 -1.30 -7.31 -12.33
N PRO A 192 -1.04 -8.60 -12.00
CA PRO A 192 -1.78 -9.65 -12.73
C PRO A 192 -3.29 -9.52 -12.55
N GLY A 193 -4.03 -9.68 -13.65
CA GLY A 193 -5.48 -9.64 -13.61
C GLY A 193 -6.07 -8.25 -13.56
N VAL A 194 -5.23 -7.21 -13.55
CA VAL A 194 -5.71 -5.84 -13.58
C VAL A 194 -6.18 -5.51 -15.01
N PRO A 195 -7.36 -4.89 -15.14
CA PRO A 195 -7.88 -4.59 -16.48
C PRO A 195 -6.99 -3.71 -17.34
N ALA A 196 -7.02 -3.96 -18.65
CA ALA A 196 -6.15 -3.27 -19.59
C ALA A 196 -6.35 -1.73 -19.68
N ARG A 197 -7.53 -1.24 -19.28
CA ARG A 197 -7.80 0.19 -19.29
C ARG A 197 -6.96 1.01 -18.33
N PHE A 198 -6.35 0.36 -17.33
CA PHE A 198 -5.43 1.02 -16.41
C PHE A 198 -4.00 1.02 -16.93
N SER A 199 -3.33 2.16 -16.90
CA SER A 199 -1.90 2.22 -17.23
C SER A 199 -1.17 3.25 -16.41
N GLY A 200 0.12 3.03 -16.21
CA GLY A 200 0.98 3.95 -15.47
C GLY A 200 1.98 4.65 -16.35
N SER A 201 2.32 5.89 -15.98
CA SER A 201 3.29 6.66 -16.72
C SER A 201 3.99 7.67 -15.83
N LEU A 202 5.01 8.31 -16.40
CA LEU A 202 5.61 9.51 -15.84
C LEU A 202 5.35 10.62 -16.84
N ILE A 203 4.75 11.72 -16.40
CA ILE A 203 4.36 12.82 -17.27
C ILE A 203 4.71 14.10 -16.56
N GLY A 204 5.52 14.96 -17.18
CA GLY A 204 5.91 16.24 -16.55
C GLY A 204 6.45 16.11 -15.14
N ASP A 205 7.34 15.13 -14.94
CA ASP A 205 7.97 14.89 -13.62
C ASP A 205 7.00 14.56 -12.44
N LYS A 206 5.83 14.05 -12.78
CA LYS A 206 4.91 13.44 -11.83
C LYS A 206 4.66 12.02 -12.29
N ALA A 207 4.28 11.14 -11.37
CA ALA A 207 3.73 9.83 -11.77
C ALA A 207 2.26 10.02 -12.13
N ALA A 208 1.74 9.16 -12.99
CA ALA A 208 0.38 9.26 -13.46
C ALA A 208 -0.26 7.90 -13.68
N LEU A 209 -1.55 7.82 -13.38
CA LEU A 209 -2.37 6.65 -13.66
C LEU A 209 -3.45 7.12 -14.62
N THR A 210 -3.60 6.42 -15.73
CA THR A 210 -4.59 6.76 -16.73
C THR A 210 -5.61 5.63 -16.84
N ILE A 211 -6.89 6.01 -16.87
CA ILE A 211 -7.94 5.08 -17.18
C ILE A 211 -8.45 5.44 -18.59
N THR A 212 -8.22 4.55 -19.55
CA THR A 212 -8.55 4.82 -20.95
C THR A 212 -9.91 4.17 -21.23
N GLY A 213 -10.95 4.98 -21.05
CA GLY A 213 -12.33 4.53 -21.08
C GLY A 213 -12.79 4.17 -19.71
N ALA A 214 -13.18 5.19 -18.94
CA ALA A 214 -13.59 4.95 -17.56
C ALA A 214 -14.90 4.18 -17.53
N GLN A 215 -15.05 3.33 -16.52
CA GLN A 215 -16.28 2.55 -16.33
C GLN A 215 -16.91 2.90 -14.98
N THR A 216 -18.22 2.70 -14.86
CA THR A 216 -18.94 3.06 -13.62
CA THR A 216 -18.94 3.05 -13.63
C THR A 216 -18.30 2.45 -12.37
N GLU A 217 -17.88 1.19 -12.48
CA GLU A 217 -17.23 0.52 -11.36
C GLU A 217 -15.84 1.07 -10.98
N ASP A 218 -15.30 2.01 -11.74
CA ASP A 218 -14.00 2.62 -11.41
C ASP A 218 -14.15 3.78 -10.43
N GLU A 219 -15.38 4.12 -10.08
CA GLU A 219 -15.62 5.08 -8.99
C GLU A 219 -15.04 4.49 -7.69
N ALA A 220 -14.07 5.21 -7.12
CA ALA A 220 -13.20 4.67 -6.08
C ALA A 220 -12.20 5.74 -5.64
N ILE A 221 -11.45 5.45 -4.59
CA ILE A 221 -10.32 6.31 -4.19
C ILE A 221 -9.04 5.65 -4.70
N TYR A 222 -8.17 6.44 -5.31
CA TYR A 222 -6.90 5.96 -5.87
C TYR A 222 -5.73 6.57 -5.12
N PHE A 223 -4.83 5.72 -4.61
CA PHE A 223 -3.64 6.23 -3.92
C PHE A 223 -2.38 5.89 -4.71
N CYS A 224 -1.43 6.82 -4.72
CA CYS A 224 -0.10 6.51 -5.21
C CYS A 224 0.84 6.33 -4.02
N ALA A 225 1.90 5.58 -4.24
CA ALA A 225 2.99 5.44 -3.27
C ALA A 225 4.33 5.58 -3.99
N LEU A 226 5.24 6.35 -3.40
CA LEU A 226 6.58 6.59 -3.94
C LEU A 226 7.64 6.09 -2.95
N TRP A 227 8.72 5.54 -3.49
CA TRP A 227 9.82 4.94 -2.74
C TRP A 227 10.96 5.92 -2.63
N TYR A 228 11.50 6.07 -1.43
CA TYR A 228 12.65 6.94 -1.20
C TYR A 228 13.72 6.20 -0.40
N SER A 229 14.65 5.58 -1.13
CA SER A 229 15.81 4.85 -0.57
C SER A 229 15.46 3.57 0.18
N ASN A 230 14.66 3.71 1.24
CA ASN A 230 14.31 2.62 2.15
C ASN A 230 12.93 2.76 2.82
N HIS A 231 12.08 3.65 2.32
CA HIS A 231 10.71 3.76 2.82
C HIS A 231 9.74 4.23 1.75
N TRP A 232 8.46 4.02 2.01
CA TRP A 232 7.38 4.42 1.11
C TRP A 232 6.64 5.61 1.69
N VAL A 233 6.25 6.54 0.83
CA VAL A 233 5.32 7.61 1.20
C VAL A 233 4.08 7.55 0.30
N PHE A 234 2.89 7.47 0.90
CA PHE A 234 1.63 7.42 0.16
C PHE A 234 1.11 8.83 0.00
N GLY A 235 0.51 9.09 -1.16
CA GLY A 235 -0.24 10.30 -1.36
C GLY A 235 -1.53 10.32 -0.60
N GLY A 236 -2.23 11.44 -0.65
CA GLY A 236 -3.50 11.60 0.07
C GLY A 236 -4.71 10.94 -0.53
N GLY A 237 -4.58 10.44 -1.75
CA GLY A 237 -5.67 9.78 -2.47
C GLY A 237 -6.49 10.75 -3.29
N THR A 238 -7.03 10.25 -4.40
CA THR A 238 -7.93 10.99 -5.27
C THR A 238 -9.26 10.26 -5.29
N LYS A 239 -10.33 10.97 -4.95
CA LYS A 239 -11.68 10.46 -5.11
C LYS A 239 -12.12 10.64 -6.55
N LEU A 240 -12.28 9.53 -7.29
CA LEU A 240 -12.78 9.60 -8.66
C LEU A 240 -14.28 9.28 -8.66
N THR A 241 -15.08 10.22 -9.17
CA THR A 241 -16.51 9.99 -9.40
C THR A 241 -16.69 9.76 -10.89
N VAL A 242 -17.51 8.77 -11.22
CA VAL A 242 -17.86 8.47 -12.59
C VAL A 242 -19.37 8.71 -12.75
N LEU A 243 -19.74 9.79 -13.45
CA LEU A 243 -21.15 10.24 -13.59
C LEU A 243 -21.74 9.92 -14.95
N GLY A 244 -22.92 9.30 -14.96
CA GLY A 244 -23.71 9.13 -16.20
C GLY A 244 -23.61 7.72 -16.76
N ALA B 1 16.65 -0.08 -4.42
CA ALA B 1 15.28 -0.36 -4.89
CA ALA B 1 15.28 -0.36 -4.89
C ALA B 1 14.51 -1.22 -3.89
N PRO B 2 13.17 -1.21 -4.06
N PRO B 2 13.17 -1.20 -4.05
CA PRO B 2 12.19 -2.02 -3.30
CA PRO B 2 12.19 -2.00 -3.29
C PRO B 2 12.15 -3.33 -3.84
C PRO B 2 12.15 -3.32 -3.83
N ASP B 3 11.07 -4.09 -3.53
N ASP B 3 11.07 -4.08 -3.55
CA ASP B 3 10.92 -5.49 -4.01
CA ASP B 3 10.93 -5.47 -4.05
C ASP B 3 10.52 -5.47 -5.48
C ASP B 3 10.52 -5.45 -5.52
O CG6 B 4 11.13 -6.92 -9.67
O CG6 B 4 10.99 -6.92 -9.69
C CG6 B 4 11.13 -6.83 -8.44
C CG6 B 4 11.02 -6.78 -8.47
CA CG6 B 4 11.20 -5.45 -7.80
CA CG6 B 4 11.22 -5.40 -7.85
N CG6 B 4 11.52 -5.52 -6.37
N CG6 B 4 11.51 -5.49 -6.42
CB CG6 B 4 12.21 -4.56 -8.56
CB CG6 B 4 12.33 -4.66 -8.60
SG CG6 B 4 13.92 -4.97 -8.23
SG CG6 B 4 13.84 -5.63 -8.68
CM CG6 B 4 11.97 -3.10 -8.15
CM CG6 B 4 12.58 -3.33 -7.89
N ARG B 5 11.06 -7.90 -7.63
N ARG B 5 10.92 -7.80 -7.60
CA ARG B 5 10.96 -9.21 -8.29
CA ARG B 5 10.71 -9.15 -8.11
C ARG B 5 9.49 -9.38 -8.74
C ARG B 5 9.36 -9.23 -8.80
N PRO B 6 9.38 -9.79 -10.00
N PRO B 6 9.37 -9.76 -10.02
CA PRO B 6 8.10 -10.01 -10.69
CA PRO B 6 8.10 -9.92 -10.75
C PRO B 6 7.28 -10.83 -9.90
C PRO B 6 7.29 -10.75 -9.98
N NH2 B 7 6.06 -10.37 -9.69
N NH2 B 7 6.06 -10.29 -9.76
C1 EDO C . -17.66 -2.16 -20.18
O1 EDO C . -17.91 -3.57 -20.14
C2 EDO C . -18.75 -1.44 -19.41
O2 EDO C . -18.42 -0.07 -19.16
C1 EDO D . -9.70 -3.05 -10.83
O1 EDO D . -10.84 -3.06 -11.70
C2 EDO D . -10.02 -3.81 -9.55
O2 EDO D . -11.17 -3.29 -8.84
C1 EDO E . 14.41 -16.84 0.62
O1 EDO E . 15.47 -15.89 0.50
C2 EDO E . 13.49 -16.74 -0.58
O2 EDO E . 12.42 -17.69 -0.53
C1 EDO F . 12.00 -13.42 10.62
O1 EDO F . 10.99 -12.76 11.37
C2 EDO F . 12.26 -14.82 11.17
O2 EDO F . 12.77 -14.73 12.51
C1 EDO G . 2.45 7.16 4.20
O1 EDO G . 2.24 8.46 3.66
C2 EDO G . 3.81 6.60 3.95
O2 EDO G . 4.28 5.82 5.02
C1 EDO H . 9.38 -0.72 -17.13
O1 EDO H . 8.76 -1.99 -17.40
C2 EDO H . 9.49 -0.50 -15.62
O2 EDO H . 9.83 0.86 -15.36
C1 EDO I . -1.52 11.14 3.74
O1 EDO I . -1.80 12.14 2.75
C2 EDO I . -1.29 9.77 3.10
O2 EDO I . -2.51 9.13 2.62
O5 A2G J . 14.47 -6.34 -10.47
O5 A2G J . 14.36 -5.78 -6.09
C1 A2G J . 14.12 -6.51 -9.11
C1 A2G J . 14.73 -5.02 -7.25
C2 A2G J . 15.30 -7.04 -8.33
C2 A2G J . 16.24 -5.13 -7.41
N2 A2G J . 14.76 -7.08 -6.97
N2 A2G J . 16.70 -4.27 -8.51
C3 A2G J . 16.47 -6.03 -8.45
C3 A2G J . 16.61 -6.57 -7.67
O3 A2G J . 17.72 -6.65 -8.05
O3 A2G J . 18.04 -6.67 -7.79
C4 A2G J . 16.64 -5.48 -9.89
C4 A2G J . 16.11 -7.44 -6.53
O4 A2G J . 17.29 -6.45 -10.73
O4 A2G J . 16.86 -7.16 -5.33
C5 A2G J . 15.25 -5.15 -10.46
C5 A2G J . 14.62 -7.18 -6.29
C6 A2G J . 15.32 -4.59 -11.86
C6 A2G J . 14.16 -7.89 -5.02
O6 A2G J . 15.13 -3.19 -11.60
O6 A2G J . 13.31 -8.98 -5.38
C7 A2G J . 15.17 -7.91 -6.01
C7 A2G J . 17.63 -3.33 -8.28
O7 A2G J . 16.09 -8.74 -6.11
O7 A2G J . 18.12 -3.10 -7.18
C8 A2G J . 14.40 -7.74 -4.69
C8 A2G J . 17.99 -2.51 -9.50
#